data_9FWN
#
_entry.id   9FWN
#
_cell.length_a   61.464
_cell.length_b   70.503
_cell.length_c   108.617
_cell.angle_alpha   90
_cell.angle_beta   90
_cell.angle_gamma   90
#
_symmetry.space_group_name_H-M   'P 21 21 21'
#
loop_
_entity.id
_entity.type
_entity.pdbx_description
1 polymer 'Non-structural protein 10'
2 polymer 'Guanine-N7 methyltransferase nsp14'
3 non-polymer 'ZINC ION'
4 non-polymer 'MAGNESIUM ION'
5 non-polymer 1-methyl-1-(phenylmethyl)urea
6 non-polymer 'DIMETHYL SULFOXIDE'
7 water water
#
loop_
_entity_poly.entity_id
_entity_poly.type
_entity_poly.pdbx_seq_one_letter_code
_entity_poly.pdbx_strand_id
1 'polypeptide(L)'
;AGNATEVPANSTVLSFCAFAVDAAKAYKDYLASGGQPITNCVKMLCTHTGTGQAITVTPEANMDQESFGGASCCLYCRCH
IDHPNPKGFCDLKGKYVQIPTTCANDPVGFTLKNTVCTVCGMWKGYGCSCD
;
A
2 'polypeptide(L)'
;MAENVTGLFKDCSKVITGLHPTQAPTHLSVDTKFKTEGLCVDIPGIPKDMTYRRLISMMGFKMNYQVNGYPNMFITREEA
IRHVRAWIGFDVEGCHATREAVGTNLPLQLGFSTGVNLVAVPTGYVDTPNNTDFSRVSAKPPPGDQFKHLIPLMYKGLPW
NVVRIKIVQMLSDTLKNLSDRVVFVLWAHGFELTSMKYFVKIGPERTCCLCDRRATCFSTASDTYACWHHSIGFDYVYNP
FMIDVQQWGFTGNLQSNHDLYCQVHGNAHVASCDAIMTRCLAVHECFVKR
;
B
#
loop_
_chem_comp.id
_chem_comp.type
_chem_comp.name
_chem_comp.formula
A1IGN non-polymer 1-methyl-1-(phenylmethyl)urea 'C9 H12 N2 O'
DMS non-polymer 'DIMETHYL SULFOXIDE' 'C2 H6 O S'
MG non-polymer 'MAGNESIUM ION' 'Mg 2'
ZN non-polymer 'ZINC ION' 'Zn 2'
#
# COMPACT_ATOMS: atom_id res chain seq x y z
N ALA A 1 5.53 -5.15 18.60
CA ALA A 1 4.13 -4.99 18.95
C ALA A 1 3.26 -5.18 17.72
N GLY A 2 2.07 -5.72 17.92
CA GLY A 2 1.13 -5.93 16.82
C GLY A 2 1.08 -7.37 16.38
N ASN A 3 0.12 -7.70 15.52
CA ASN A 3 -0.07 -9.07 15.08
C ASN A 3 -0.01 -9.11 13.54
N ALA A 4 0.87 -9.93 12.98
CA ALA A 4 0.97 -10.04 11.52
C ALA A 4 -0.34 -10.54 10.91
N THR A 5 -0.71 -9.96 9.79
CA THR A 5 -1.89 -10.38 9.06
CA THR A 5 -1.90 -10.42 9.04
C THR A 5 -1.45 -11.16 7.79
N GLU A 6 -0.23 -10.88 7.28
CA GLU A 6 0.22 -11.48 6.02
C GLU A 6 1.43 -12.39 6.06
N VAL A 7 1.61 -13.13 4.95
CA VAL A 7 2.70 -14.04 4.70
C VAL A 7 3.57 -13.47 3.55
N PRO A 8 4.88 -13.78 3.55
CA PRO A 8 5.78 -13.23 2.50
C PRO A 8 5.40 -13.54 1.06
N ALA A 9 4.70 -14.64 0.80
CA ALA A 9 4.29 -14.97 -0.57
C ALA A 9 3.36 -13.91 -1.18
N ASN A 10 2.71 -13.08 -0.34
CA ASN A 10 1.80 -12.06 -0.85
C ASN A 10 2.41 -10.66 -0.91
N SER A 11 3.64 -10.45 -0.38
CA SER A 11 4.24 -9.12 -0.38
C SER A 11 4.29 -8.44 -1.74
N THR A 12 4.77 -9.12 -2.77
CA THR A 12 4.89 -8.53 -4.10
C THR A 12 3.56 -8.06 -4.70
N VAL A 13 2.56 -8.96 -4.77
CA VAL A 13 1.30 -8.62 -5.39
C VAL A 13 0.54 -7.54 -4.62
N LEU A 14 0.55 -7.63 -3.29
CA LEU A 14 -0.14 -6.65 -2.46
C LEU A 14 0.54 -5.31 -2.54
N SER A 15 1.88 -5.27 -2.57
CA SER A 15 2.58 -3.98 -2.70
C SER A 15 2.25 -3.33 -4.05
N PHE A 16 2.28 -4.11 -5.13
CA PHE A 16 2.00 -3.65 -6.48
C PHE A 16 0.59 -3.07 -6.57
N CYS A 17 -0.42 -3.81 -6.07
CA CYS A 17 -1.80 -3.35 -6.12
C CYS A 17 -2.09 -2.22 -5.13
N ALA A 18 -1.34 -2.14 -4.02
CA ALA A 18 -1.55 -1.05 -3.04
C ALA A 18 -1.13 0.31 -3.62
N PHE A 19 -0.18 0.32 -4.56
CA PHE A 19 0.30 1.59 -5.14
C PHE A 19 -0.39 1.91 -6.48
N ALA A 20 -1.10 0.97 -7.08
CA ALA A 20 -1.68 1.14 -8.40
C ALA A 20 -2.80 2.17 -8.52
N VAL A 21 -2.85 2.90 -9.65
CA VAL A 21 -3.96 3.84 -9.88
CA VAL A 21 -3.95 3.84 -9.91
C VAL A 21 -5.24 3.02 -10.04
N ASP A 22 -5.16 1.91 -10.79
CA ASP A 22 -6.28 1.02 -11.04
C ASP A 22 -5.86 -0.34 -10.51
N ALA A 23 -6.21 -0.61 -9.25
CA ALA A 23 -5.86 -1.86 -8.59
C ALA A 23 -6.42 -3.11 -9.26
N ALA A 24 -7.70 -3.08 -9.73
CA ALA A 24 -8.26 -4.26 -10.41
C ALA A 24 -7.46 -4.62 -11.66
N LYS A 25 -7.14 -3.63 -12.51
CA LYS A 25 -6.37 -3.87 -13.72
C LYS A 25 -4.97 -4.33 -13.35
N ALA A 26 -4.36 -3.74 -12.30
CA ALA A 26 -3.03 -4.18 -11.85
C ALA A 26 -3.03 -5.66 -11.45
N TYR A 27 -4.03 -6.15 -10.68
CA TYR A 27 -4.08 -7.56 -10.29
C TYR A 27 -4.29 -8.46 -11.49
N LYS A 28 -5.21 -8.08 -12.41
CA LYS A 28 -5.40 -8.89 -13.62
C LYS A 28 -4.11 -8.95 -14.46
N ASP A 29 -3.39 -7.83 -14.59
CA ASP A 29 -2.16 -7.76 -15.39
C ASP A 29 -1.01 -8.53 -14.70
N TYR A 30 -0.98 -8.50 -13.37
CA TYR A 30 0.00 -9.25 -12.60
C TYR A 30 -0.21 -10.76 -12.83
N LEU A 31 -1.48 -11.24 -12.82
CA LEU A 31 -1.79 -12.64 -13.08
C LEU A 31 -1.43 -12.99 -14.53
N ALA A 32 -1.70 -12.09 -15.48
CA ALA A 32 -1.40 -12.36 -16.90
C ALA A 32 0.11 -12.45 -17.15
N SER A 33 0.92 -11.72 -16.36
CA SER A 33 2.38 -11.79 -16.45
C SER A 33 2.98 -12.97 -15.66
N GLY A 34 2.16 -13.94 -15.27
CA GLY A 34 2.59 -15.13 -14.56
C GLY A 34 2.70 -15.04 -13.05
N GLY A 35 2.15 -13.98 -12.46
CA GLY A 35 2.18 -13.86 -11.01
C GLY A 35 1.29 -14.88 -10.33
N GLN A 36 1.63 -15.27 -9.10
CA GLN A 36 0.83 -16.20 -8.34
C GLN A 36 -0.38 -15.51 -7.72
N PRO A 37 -1.53 -16.18 -7.69
CA PRO A 37 -2.71 -15.56 -7.05
C PRO A 37 -2.47 -15.27 -5.57
N ILE A 38 -3.22 -14.31 -5.02
CA ILE A 38 -3.17 -13.98 -3.60
C ILE A 38 -3.60 -15.23 -2.79
N THR A 39 -2.81 -15.59 -1.78
CA THR A 39 -3.08 -16.75 -0.93
C THR A 39 -3.44 -16.28 0.50
N ASN A 40 -3.56 -17.17 1.52
CA ASN A 40 -3.87 -16.72 2.88
C ASN A 40 -5.30 -16.14 2.96
N CYS A 41 -6.22 -16.67 2.12
CA CYS A 41 -7.63 -16.32 2.18
C CYS A 41 -8.25 -17.15 3.34
N VAL A 42 -9.46 -16.80 3.78
CA VAL A 42 -10.15 -17.47 4.88
C VAL A 42 -11.01 -18.55 4.28
N LYS A 43 -10.47 -19.76 4.15
CA LYS A 43 -11.22 -20.86 3.56
C LYS A 43 -12.00 -21.55 4.68
N MET A 44 -13.27 -21.84 4.44
CA MET A 44 -14.15 -22.42 5.44
C MET A 44 -14.28 -23.94 5.38
N LEU A 45 -14.36 -24.54 6.56
CA LEU A 45 -14.67 -25.96 6.73
C LEU A 45 -16.19 -25.96 6.87
N CYS A 46 -16.89 -26.53 5.88
CA CYS A 46 -18.35 -26.51 5.86
C CYS A 46 -18.90 -27.83 5.35
N THR A 47 -20.21 -28.04 5.51
CA THR A 47 -20.83 -29.31 5.13
C THR A 47 -20.92 -29.53 3.63
N HIS A 48 -20.86 -28.45 2.82
CA HIS A 48 -21.06 -28.55 1.38
C HIS A 48 -22.51 -28.98 1.04
N THR A 49 -23.46 -28.70 1.96
CA THR A 49 -24.89 -28.94 1.74
C THR A 49 -25.67 -27.60 1.73
N GLY A 50 -25.00 -26.53 1.31
CA GLY A 50 -25.57 -25.20 1.26
C GLY A 50 -26.33 -24.93 -0.01
N THR A 51 -26.93 -23.75 -0.10
CA THR A 51 -27.75 -23.34 -1.25
C THR A 51 -26.98 -23.08 -2.54
N GLY A 52 -25.68 -22.82 -2.43
CA GLY A 52 -24.88 -22.54 -3.62
C GLY A 52 -24.95 -21.09 -4.07
N GLN A 53 -25.65 -20.24 -3.33
CA GLN A 53 -25.74 -18.82 -3.64
C GLN A 53 -24.38 -18.15 -3.47
N ALA A 54 -24.11 -17.10 -4.25
CA ALA A 54 -22.81 -16.48 -4.30
C ALA A 54 -22.36 -15.77 -3.04
N ILE A 55 -23.18 -14.90 -2.44
CA ILE A 55 -22.75 -14.09 -1.29
C ILE A 55 -23.83 -14.24 -0.25
N THR A 56 -23.45 -14.81 0.90
CA THR A 56 -24.40 -15.21 1.94
C THR A 56 -23.95 -14.85 3.35
N VAL A 57 -24.88 -14.82 4.31
CA VAL A 57 -24.52 -14.45 5.69
C VAL A 57 -23.83 -15.59 6.47
N THR A 58 -24.05 -16.83 6.05
CA THR A 58 -23.43 -18.04 6.61
C THR A 58 -22.85 -18.84 5.40
N PRO A 59 -21.88 -19.77 5.59
CA PRO A 59 -21.33 -20.51 4.45
C PRO A 59 -22.42 -21.34 3.77
N GLU A 60 -22.50 -21.23 2.45
CA GLU A 60 -23.53 -21.92 1.68
C GLU A 60 -22.95 -22.69 0.52
N ALA A 61 -21.69 -23.16 0.62
CA ALA A 61 -21.09 -23.92 -0.47
C ALA A 61 -21.88 -25.20 -0.75
N ASN A 62 -22.08 -25.51 -2.03
CA ASN A 62 -22.67 -26.80 -2.39
C ASN A 62 -21.47 -27.76 -2.67
N MET A 63 -21.73 -28.94 -3.25
CA MET A 63 -20.65 -29.90 -3.50
C MET A 63 -19.65 -29.44 -4.58
N ASP A 64 -19.98 -28.40 -5.36
CA ASP A 64 -19.05 -27.93 -6.40
C ASP A 64 -18.41 -26.58 -6.10
N GLN A 65 -18.44 -26.16 -4.83
CA GLN A 65 -17.90 -24.86 -4.44
C GLN A 65 -17.09 -24.99 -3.16
N GLU A 66 -16.32 -23.93 -2.83
CA GLU A 66 -15.66 -23.73 -1.55
C GLU A 66 -16.26 -22.42 -0.98
N SER A 67 -16.36 -22.32 0.34
CA SER A 67 -16.84 -21.08 0.97
C SER A 67 -15.65 -20.36 1.53
N PHE A 68 -15.62 -19.04 1.38
CA PHE A 68 -14.55 -18.22 1.94
C PHE A 68 -15.14 -17.04 2.70
N GLY A 69 -14.38 -16.48 3.66
CA GLY A 69 -14.76 -15.25 4.31
C GLY A 69 -14.62 -14.14 3.28
N GLY A 70 -15.64 -13.32 3.16
CA GLY A 70 -15.76 -12.26 2.15
C GLY A 70 -14.64 -11.25 2.03
N ALA A 71 -14.22 -10.64 3.16
CA ALA A 71 -13.15 -9.65 3.13
C ALA A 71 -11.86 -10.24 2.54
N SER A 72 -11.62 -11.54 2.78
CA SER A 72 -10.42 -12.21 2.31
C SER A 72 -10.39 -12.45 0.81
N CYS A 73 -11.56 -12.40 0.15
CA CYS A 73 -11.71 -12.55 -1.30
C CYS A 73 -11.79 -11.19 -2.02
N CYS A 74 -11.64 -10.08 -1.30
CA CYS A 74 -11.78 -8.75 -1.88
C CYS A 74 -10.44 -8.11 -2.06
N LEU A 75 -10.06 -7.78 -3.29
CA LEU A 75 -8.77 -7.14 -3.54
C LEU A 75 -8.60 -5.84 -2.75
N TYR A 76 -9.67 -5.04 -2.65
CA TYR A 76 -9.61 -3.75 -1.95
C TYR A 76 -9.43 -3.93 -0.44
N CYS A 77 -10.05 -4.98 0.13
CA CYS A 77 -9.86 -5.27 1.56
C CYS A 77 -8.44 -5.76 1.78
N ARG A 78 -7.95 -6.64 0.88
CA ARG A 78 -6.60 -7.24 1.01
C ARG A 78 -5.48 -6.22 0.93
N CYS A 79 -5.63 -5.21 0.07
CA CYS A 79 -4.65 -4.14 -0.10
C CYS A 79 -4.90 -2.94 0.78
N HIS A 80 -6.03 -2.91 1.51
CA HIS A 80 -6.36 -1.80 2.40
C HIS A 80 -6.45 -0.49 1.62
N ILE A 81 -7.10 -0.52 0.47
CA ILE A 81 -7.27 0.64 -0.44
C ILE A 81 -8.77 0.97 -0.64
N ASP A 82 -9.09 2.10 -1.33
CA ASP A 82 -10.45 2.51 -1.56
C ASP A 82 -11.21 1.49 -2.35
N HIS A 83 -12.48 1.30 -2.00
CA HIS A 83 -13.38 0.43 -2.76
C HIS A 83 -13.98 1.31 -3.86
N PRO A 84 -14.09 0.80 -5.10
CA PRO A 84 -14.48 1.69 -6.21
C PRO A 84 -15.96 2.01 -6.37
N ASN A 85 -16.79 1.78 -5.38
CA ASN A 85 -18.22 2.15 -5.45
C ASN A 85 -18.39 3.57 -4.85
N PRO A 86 -19.39 4.37 -5.31
CA PRO A 86 -19.52 5.75 -4.79
C PRO A 86 -19.53 5.91 -3.26
N LYS A 87 -20.16 4.97 -2.53
CA LYS A 87 -20.19 5.06 -1.07
C LYS A 87 -18.90 4.55 -0.38
N GLY A 88 -18.04 3.87 -1.13
CA GLY A 88 -16.77 3.34 -0.63
C GLY A 88 -16.90 2.16 0.31
N PHE A 89 -18.07 1.53 0.35
CA PHE A 89 -18.32 0.40 1.23
C PHE A 89 -18.22 -0.94 0.52
N CYS A 90 -17.81 -1.97 1.23
CA CYS A 90 -17.62 -3.28 0.63
C CYS A 90 -18.86 -4.15 0.62
N ASP A 91 -19.06 -4.89 -0.46
CA ASP A 91 -20.18 -5.84 -0.55
C ASP A 91 -19.77 -7.27 -0.14
N LEU A 92 -18.47 -7.52 0.11
CA LEU A 92 -18.01 -8.85 0.47
C LEU A 92 -17.66 -8.93 1.92
N LYS A 93 -17.02 -7.89 2.48
CA LYS A 93 -16.67 -7.91 3.90
C LYS A 93 -17.93 -8.02 4.77
N GLY A 94 -17.91 -8.94 5.71
CA GLY A 94 -19.05 -9.21 6.59
C GLY A 94 -19.98 -10.30 6.07
N LYS A 95 -19.65 -10.90 4.89
CA LYS A 95 -20.39 -11.99 4.29
C LYS A 95 -19.43 -13.14 3.96
N TYR A 96 -19.98 -14.27 3.53
CA TYR A 96 -19.24 -15.40 3.00
C TYR A 96 -19.47 -15.43 1.49
N VAL A 97 -18.44 -15.83 0.74
CA VAL A 97 -18.52 -15.93 -0.70
C VAL A 97 -18.28 -17.37 -1.12
N GLN A 98 -19.11 -17.87 -2.00
CA GLN A 98 -19.00 -19.23 -2.51
C GLN A 98 -18.30 -19.14 -3.85
N ILE A 99 -17.22 -19.91 -4.02
CA ILE A 99 -16.42 -19.86 -5.23
C ILE A 99 -16.42 -21.26 -5.84
N PRO A 100 -16.60 -21.40 -7.17
CA PRO A 100 -16.52 -22.75 -7.78
C PRO A 100 -15.20 -23.43 -7.44
N THR A 101 -15.20 -24.73 -7.14
CA THR A 101 -13.98 -25.44 -6.77
C THR A 101 -12.90 -25.32 -7.83
N THR A 102 -13.29 -25.30 -9.12
CA THR A 102 -12.35 -25.15 -10.23
C THR A 102 -11.62 -23.80 -10.22
N CYS A 103 -12.18 -22.79 -9.52
CA CYS A 103 -11.60 -21.45 -9.44
C CYS A 103 -11.07 -21.08 -8.05
N ALA A 104 -11.15 -22.00 -7.06
CA ALA A 104 -10.76 -21.70 -5.67
C ALA A 104 -9.27 -21.47 -5.46
N ASN A 105 -8.45 -21.68 -6.50
CA ASN A 105 -7.01 -21.35 -6.43
C ASN A 105 -6.80 -19.81 -6.42
N ASP A 106 -7.79 -19.03 -6.86
CA ASP A 106 -7.67 -17.58 -6.90
C ASP A 106 -9.02 -16.92 -6.59
N PRO A 107 -9.48 -17.03 -5.32
CA PRO A 107 -10.75 -16.41 -4.96
C PRO A 107 -10.78 -14.89 -5.17
N VAL A 108 -9.65 -14.18 -4.98
CA VAL A 108 -9.63 -12.74 -5.18
C VAL A 108 -9.91 -12.38 -6.65
N GLY A 109 -9.24 -13.09 -7.55
CA GLY A 109 -9.42 -12.89 -8.98
C GLY A 109 -10.79 -13.31 -9.43
N PHE A 110 -11.34 -14.38 -8.82
CA PHE A 110 -12.69 -14.82 -9.18
C PHE A 110 -13.73 -13.73 -8.90
N THR A 111 -13.71 -13.13 -7.70
CA THR A 111 -14.71 -12.10 -7.37
C THR A 111 -14.50 -10.83 -8.19
N LEU A 112 -13.23 -10.50 -8.51
CA LEU A 112 -12.90 -9.33 -9.33
C LEU A 112 -13.51 -9.44 -10.73
N LYS A 113 -13.45 -10.61 -11.34
CA LYS A 113 -13.86 -10.80 -12.72
C LYS A 113 -15.31 -11.22 -12.92
N ASN A 114 -15.97 -11.70 -11.88
CA ASN A 114 -17.31 -12.25 -12.03
C ASN A 114 -18.41 -11.40 -11.41
N THR A 115 -19.67 -11.64 -11.84
CA THR A 115 -20.81 -10.88 -11.35
C THR A 115 -21.91 -11.80 -10.85
N VAL A 116 -22.62 -11.37 -9.83
CA VAL A 116 -23.70 -12.13 -9.25
C VAL A 116 -25.03 -11.73 -9.92
N CYS A 117 -25.87 -12.70 -10.26
CA CYS A 117 -27.18 -12.42 -10.83
C CYS A 117 -28.04 -11.82 -9.73
N THR A 118 -28.60 -10.62 -9.97
CA THR A 118 -29.44 -9.96 -8.98
C THR A 118 -30.81 -10.67 -8.78
N VAL A 119 -31.22 -11.53 -9.73
CA VAL A 119 -32.49 -12.24 -9.59
C VAL A 119 -32.39 -13.55 -8.78
N CYS A 120 -31.47 -14.45 -9.16
CA CYS A 120 -31.34 -15.73 -8.45
C CYS A 120 -30.21 -15.78 -7.41
N GLY A 121 -29.31 -14.80 -7.42
CA GLY A 121 -28.23 -14.76 -6.45
C GLY A 121 -27.06 -15.70 -6.70
N MET A 122 -27.01 -16.30 -7.89
CA MET A 122 -25.90 -17.19 -8.26
C MET A 122 -24.91 -16.44 -9.17
N TRP A 123 -23.68 -16.91 -9.27
CA TRP A 123 -22.69 -16.30 -10.16
C TRP A 123 -23.11 -16.50 -11.61
N LYS A 124 -22.94 -15.47 -12.45
CA LYS A 124 -23.24 -15.59 -13.88
C LYS A 124 -22.20 -16.53 -14.48
N GLY A 125 -22.67 -17.57 -15.15
CA GLY A 125 -21.78 -18.59 -15.71
C GLY A 125 -21.46 -19.73 -14.75
N TYR A 126 -21.80 -19.58 -13.43
CA TYR A 126 -21.50 -20.58 -12.38
C TYR A 126 -22.52 -20.62 -11.14
N GLY A 127 -23.78 -20.97 -11.32
CA GLY A 127 -24.47 -21.26 -12.55
C GLY A 127 -25.83 -20.59 -12.42
N CYS A 128 -25.92 -19.36 -12.90
CA CYS A 128 -27.17 -18.62 -12.91
C CYS A 128 -27.99 -19.28 -14.05
N SER A 129 -29.15 -19.86 -13.72
CA SER A 129 -29.96 -20.56 -14.73
C SER A 129 -31.00 -19.68 -15.44
N CYS A 130 -31.23 -18.46 -14.95
CA CYS A 130 -32.20 -17.59 -15.60
C CYS A 130 -31.59 -16.72 -16.68
N ASP A 131 -32.01 -16.91 -17.94
CA ASP A 131 -31.50 -16.17 -19.09
C ASP A 131 -32.02 -14.72 -19.09
N ASN B 4 6.20 -18.59 8.25
CA ASN B 4 6.77 -17.25 8.17
C ASN B 4 5.69 -16.20 7.93
N VAL B 5 5.89 -15.03 8.51
CA VAL B 5 4.96 -13.92 8.36
C VAL B 5 5.76 -12.68 7.94
N THR B 6 5.07 -11.64 7.47
CA THR B 6 5.70 -10.35 7.18
C THR B 6 5.11 -9.28 8.12
N GLY B 7 5.80 -8.17 8.25
CA GLY B 7 5.28 -7.02 8.99
C GLY B 7 4.37 -6.17 8.11
N LEU B 8 4.33 -6.42 6.78
CA LEU B 8 3.49 -5.64 5.89
C LEU B 8 2.02 -5.92 6.24
N PHE B 9 1.27 -4.87 6.53
CA PHE B 9 -0.14 -4.93 6.91
C PHE B 9 -0.33 -5.56 8.27
N LYS B 10 0.68 -5.43 9.18
CA LYS B 10 0.59 -5.92 10.54
C LYS B 10 -0.55 -5.16 11.23
N ASP B 11 -1.37 -5.83 12.02
CA ASP B 11 -2.49 -5.20 12.69
C ASP B 11 -1.92 -4.63 13.98
N CYS B 12 -2.00 -3.32 14.13
CA CYS B 12 -1.41 -2.61 15.25
C CYS B 12 -2.40 -2.25 16.37
N SER B 13 -3.64 -2.79 16.32
CA SER B 13 -4.60 -2.51 17.40
C SER B 13 -4.18 -3.22 18.70
N LYS B 14 -4.77 -2.81 19.82
CA LYS B 14 -4.50 -3.45 21.10
C LYS B 14 -5.61 -4.49 21.46
N VAL B 15 -6.58 -4.77 20.54
CA VAL B 15 -7.63 -5.74 20.73
C VAL B 15 -7.00 -7.13 20.93
N ILE B 16 -7.40 -7.83 22.01
CA ILE B 16 -6.85 -9.14 22.35
C ILE B 16 -7.35 -10.26 21.42
N THR B 17 -8.53 -10.07 20.80
CA THR B 17 -9.10 -11.05 19.91
C THR B 17 -8.83 -10.76 18.40
N GLY B 18 -8.95 -11.80 17.57
CA GLY B 18 -8.84 -11.66 16.13
C GLY B 18 -10.18 -11.24 15.54
N LEU B 19 -10.32 -11.42 14.23
CA LEU B 19 -11.52 -11.01 13.54
C LEU B 19 -12.43 -12.17 13.23
N HIS B 20 -13.71 -11.86 12.99
CA HIS B 20 -14.70 -12.85 12.61
C HIS B 20 -14.30 -13.35 11.20
N PRO B 21 -14.55 -14.62 10.84
CA PRO B 21 -14.11 -15.10 9.50
C PRO B 21 -14.56 -14.23 8.32
N THR B 22 -15.71 -13.55 8.43
CA THR B 22 -16.21 -12.71 7.33
C THR B 22 -15.52 -11.35 7.23
N GLN B 23 -14.87 -10.91 8.32
CA GLN B 23 -14.27 -9.58 8.39
C GLN B 23 -12.74 -9.59 8.35
N ALA B 24 -12.13 -10.74 8.64
CA ALA B 24 -10.68 -10.87 8.62
C ALA B 24 -10.18 -10.76 7.18
N PRO B 25 -9.18 -9.91 6.92
CA PRO B 25 -8.60 -9.87 5.55
C PRO B 25 -7.91 -11.20 5.21
N THR B 26 -7.40 -11.93 6.22
CA THR B 26 -6.61 -13.14 5.96
C THR B 26 -6.90 -14.25 6.99
N HIS B 27 -6.48 -15.48 6.69
CA HIS B 27 -6.59 -16.60 7.63
C HIS B 27 -5.83 -16.29 8.92
N LEU B 28 -4.62 -15.69 8.81
CA LEU B 28 -3.84 -15.32 10.01
C LEU B 28 -4.64 -14.42 10.96
N SER B 29 -5.42 -13.46 10.43
CA SER B 29 -6.14 -12.52 11.28
C SER B 29 -7.48 -13.02 11.82
N VAL B 30 -7.92 -14.21 11.45
CA VAL B 30 -9.18 -14.77 11.99
C VAL B 30 -8.93 -15.14 13.47
N ASP B 31 -9.88 -14.86 14.36
CA ASP B 31 -9.77 -15.21 15.76
C ASP B 31 -9.56 -16.74 15.96
N THR B 32 -8.65 -17.08 16.88
CA THR B 32 -8.27 -18.47 17.16
C THR B 32 -9.47 -19.38 17.44
N LYS B 33 -10.57 -18.87 18.03
CA LYS B 33 -11.79 -19.66 18.32
C LYS B 33 -12.42 -20.30 17.08
N PHE B 34 -12.22 -19.69 15.91
CA PHE B 34 -12.83 -20.18 14.68
C PHE B 34 -11.92 -21.11 13.91
N LYS B 35 -10.66 -21.33 14.36
CA LYS B 35 -9.71 -22.11 13.60
C LYS B 35 -9.72 -23.58 13.91
N THR B 36 -9.72 -24.45 12.86
CA THR B 36 -9.69 -25.90 13.03
C THR B 36 -9.24 -26.58 11.74
N GLU B 37 -8.38 -27.60 11.86
CA GLU B 37 -7.93 -28.40 10.71
CA GLU B 37 -7.78 -28.41 10.78
C GLU B 37 -7.30 -27.57 9.57
N GLY B 38 -6.58 -26.50 9.88
CA GLY B 38 -6.00 -25.62 8.88
C GLY B 38 -6.99 -24.67 8.20
N LEU B 39 -8.27 -24.75 8.57
CA LEU B 39 -9.37 -23.98 8.00
C LEU B 39 -10.07 -23.17 9.10
N CYS B 40 -11.19 -22.52 8.76
CA CYS B 40 -12.00 -21.77 9.72
C CYS B 40 -13.43 -22.31 9.68
N VAL B 41 -14.19 -22.13 10.76
CA VAL B 41 -15.60 -22.50 10.76
C VAL B 41 -16.41 -21.28 11.12
N ASP B 42 -17.65 -21.23 10.63
CA ASP B 42 -18.58 -20.20 11.04
C ASP B 42 -19.24 -20.74 12.32
N ILE B 43 -19.38 -19.89 13.32
CA ILE B 43 -19.97 -20.33 14.58
C ILE B 43 -21.21 -19.50 14.81
N PRO B 44 -22.39 -20.04 14.47
CA PRO B 44 -23.64 -19.29 14.69
C PRO B 44 -23.78 -18.90 16.14
N GLY B 45 -23.98 -17.62 16.40
CA GLY B 45 -24.07 -17.13 17.76
C GLY B 45 -22.87 -16.29 18.17
N ILE B 46 -21.75 -16.36 17.42
CA ILE B 46 -20.61 -15.48 17.69
C ILE B 46 -20.69 -14.45 16.57
N PRO B 47 -21.12 -13.22 16.91
CA PRO B 47 -21.36 -12.23 15.84
C PRO B 47 -20.12 -11.49 15.33
N LYS B 48 -20.31 -10.77 14.22
CA LYS B 48 -19.30 -9.87 13.67
C LYS B 48 -19.16 -8.67 14.64
N ASP B 49 -18.06 -7.94 14.52
CA ASP B 49 -17.79 -6.75 15.33
C ASP B 49 -18.09 -5.57 14.39
N MET B 50 -19.08 -4.72 14.75
CA MET B 50 -19.47 -3.63 13.85
C MET B 50 -18.96 -2.27 14.27
N THR B 51 -17.96 -2.19 15.18
CA THR B 51 -17.46 -0.88 15.63
C THR B 51 -15.94 -0.77 15.65
N TYR B 52 -15.20 -1.80 15.18
CA TYR B 52 -13.74 -1.76 15.30
C TYR B 52 -13.03 -0.73 14.42
N ARG B 53 -11.84 -0.31 14.85
CA ARG B 53 -10.93 0.57 14.13
C ARG B 53 -9.55 -0.02 14.36
N ARG B 54 -9.01 -0.78 13.38
CA ARG B 54 -7.72 -1.44 13.56
C ARG B 54 -6.67 -0.81 12.66
N LEU B 55 -5.68 -0.14 13.24
CA LEU B 55 -4.61 0.48 12.44
C LEU B 55 -3.79 -0.60 11.78
N ILE B 56 -3.60 -0.50 10.45
CA ILE B 56 -2.85 -1.48 9.66
C ILE B 56 -1.53 -0.85 9.20
N SER B 57 -0.42 -1.52 9.50
CA SER B 57 0.92 -1.04 9.15
C SER B 57 1.25 -1.05 7.68
N MET B 58 1.78 0.07 7.18
CA MET B 58 2.24 0.18 5.80
C MET B 58 3.77 0.00 5.70
N MET B 59 4.39 -0.64 6.68
CA MET B 59 5.81 -0.92 6.70
C MET B 59 6.06 -2.30 6.14
N GLY B 60 6.92 -2.40 5.14
CA GLY B 60 7.29 -3.69 4.55
C GLY B 60 6.92 -3.90 3.10
N PHE B 61 6.66 -2.81 2.35
CA PHE B 61 6.36 -2.95 0.93
C PHE B 61 7.58 -3.52 0.19
N LYS B 62 7.33 -4.31 -0.86
CA LYS B 62 8.40 -4.91 -1.66
C LYS B 62 8.00 -4.66 -3.10
N MET B 63 8.68 -3.73 -3.81
CA MET B 63 8.34 -3.37 -5.19
C MET B 63 9.15 -4.16 -6.21
N ASN B 64 9.15 -5.48 -6.08
CA ASN B 64 9.92 -6.32 -6.99
C ASN B 64 9.05 -7.03 -8.04
N TYR B 65 7.88 -6.48 -8.33
CA TYR B 65 6.98 -7.02 -9.34
C TYR B 65 7.64 -6.92 -10.75
N GLN B 66 7.21 -7.77 -11.66
CA GLN B 66 7.67 -7.74 -13.03
C GLN B 66 6.45 -7.98 -13.86
N VAL B 67 5.81 -6.91 -14.28
CA VAL B 67 4.55 -6.95 -15.01
C VAL B 67 4.73 -6.19 -16.30
N ASN B 68 4.44 -6.85 -17.43
CA ASN B 68 4.56 -6.27 -18.76
C ASN B 68 3.82 -4.94 -18.87
N GLY B 69 4.57 -3.91 -19.27
CA GLY B 69 4.01 -2.58 -19.45
C GLY B 69 4.01 -1.69 -18.21
N TYR B 70 4.54 -2.17 -17.09
CA TYR B 70 4.62 -1.35 -15.87
C TYR B 70 6.11 -1.17 -15.61
N PRO B 71 6.60 0.06 -15.57
CA PRO B 71 8.03 0.27 -15.30
C PRO B 71 8.36 -0.08 -13.85
N ASN B 72 9.60 -0.45 -13.61
CA ASN B 72 10.06 -0.76 -12.26
C ASN B 72 10.33 0.56 -11.53
N MET B 73 9.98 0.67 -10.26
CA MET B 73 10.25 1.86 -9.47
C MET B 73 11.75 1.90 -9.10
N PHE B 74 12.29 0.79 -8.54
CA PHE B 74 13.70 0.76 -8.16
C PHE B 74 14.54 0.47 -9.39
N ILE B 75 15.51 1.35 -9.68
CA ILE B 75 16.36 1.21 -10.86
C ILE B 75 17.81 0.89 -10.49
N THR B 76 18.60 0.45 -11.47
CA THR B 76 20.01 0.12 -11.22
C THR B 76 20.83 1.42 -11.03
N ARG B 77 22.04 1.30 -10.46
CA ARG B 77 22.94 2.44 -10.32
C ARG B 77 23.25 3.05 -11.70
N GLU B 78 23.43 2.20 -12.71
CA GLU B 78 23.76 2.66 -14.06
C GLU B 78 22.63 3.47 -14.68
N GLU B 79 21.38 3.05 -14.46
CA GLU B 79 20.24 3.79 -15.00
C GLU B 79 20.06 5.09 -14.23
N ALA B 80 20.27 5.06 -12.90
CA ALA B 80 20.21 6.28 -12.08
C ALA B 80 21.26 7.31 -12.59
N ILE B 81 22.48 6.84 -12.91
CA ILE B 81 23.56 7.73 -13.42
C ILE B 81 23.12 8.44 -14.71
N ARG B 82 22.49 7.72 -15.63
CA ARG B 82 21.99 8.28 -16.88
C ARG B 82 20.95 9.41 -16.59
N HIS B 83 20.19 9.29 -15.50
CA HIS B 83 19.19 10.29 -15.12
C HIS B 83 19.59 11.11 -13.89
N VAL B 84 20.86 11.48 -13.77
CA VAL B 84 21.33 12.26 -12.62
C VAL B 84 20.59 13.61 -12.50
N ARG B 85 20.12 14.19 -13.61
CA ARG B 85 19.35 15.43 -13.56
C ARG B 85 17.99 15.29 -12.82
N ALA B 86 17.47 14.05 -12.77
CA ALA B 86 16.20 13.75 -12.11
C ALA B 86 16.34 13.46 -10.62
N TRP B 87 17.58 13.46 -10.07
CA TRP B 87 17.80 13.09 -8.68
C TRP B 87 17.26 14.07 -7.67
N ILE B 88 16.43 13.55 -6.77
CA ILE B 88 15.92 14.30 -5.63
C ILE B 88 16.15 13.42 -4.41
N GLY B 89 17.04 13.81 -3.51
CA GLY B 89 17.22 13.12 -2.25
C GLY B 89 15.93 13.20 -1.44
N PHE B 90 15.56 12.11 -0.75
CA PHE B 90 14.30 12.08 -0.01
C PHE B 90 14.52 11.32 1.30
N ASP B 91 14.10 11.90 2.43
CA ASP B 91 14.20 11.31 3.77
C ASP B 91 12.95 11.68 4.55
N VAL B 92 12.48 10.76 5.39
CA VAL B 92 11.29 11.03 6.19
C VAL B 92 11.60 10.74 7.65
N GLU B 93 11.25 11.68 8.54
CA GLU B 93 11.32 11.47 10.00
C GLU B 93 9.89 11.11 10.39
N GLY B 94 9.76 10.07 11.18
CA GLY B 94 8.43 9.58 11.56
C GLY B 94 8.09 9.75 13.02
N CYS B 95 6.84 9.50 13.32
CA CYS B 95 6.33 9.46 14.69
C CYS B 95 5.71 8.04 14.91
N HIS B 96 5.62 7.60 16.17
CA HIS B 96 5.11 6.25 16.49
C HIS B 96 3.62 6.26 16.77
N ALA B 97 2.90 5.19 16.35
CA ALA B 97 1.48 5.05 16.68
C ALA B 97 1.34 4.90 18.20
N THR B 98 0.31 5.53 18.77
CA THR B 98 0.10 5.46 20.22
C THR B 98 -1.40 5.28 20.59
N ARG B 99 -1.67 5.02 21.89
CA ARG B 99 -3.02 4.93 22.47
C ARG B 99 -3.88 3.78 21.87
N GLU B 100 -4.68 4.02 20.81
CA GLU B 100 -5.54 2.99 20.21
C GLU B 100 -4.76 1.99 19.35
N ALA B 101 -3.45 2.21 19.16
CA ALA B 101 -2.60 1.38 18.34
C ALA B 101 -1.14 1.52 18.74
N VAL B 102 -0.35 0.50 18.47
CA VAL B 102 1.09 0.50 18.72
C VAL B 102 1.74 -0.49 17.76
N GLY B 103 2.90 -0.14 17.21
CA GLY B 103 3.63 -1.06 16.34
C GLY B 103 3.97 -0.55 14.95
N THR B 104 3.66 0.72 14.65
CA THR B 104 3.94 1.27 13.32
C THR B 104 4.30 2.76 13.39
N ASN B 105 4.98 3.23 12.34
CA ASN B 105 5.42 4.62 12.21
C ASN B 105 4.64 5.34 11.12
N LEU B 106 4.33 6.60 11.38
CA LEU B 106 3.59 7.45 10.48
C LEU B 106 4.51 8.59 9.99
N PRO B 107 4.36 9.01 8.74
CA PRO B 107 5.21 10.12 8.24
C PRO B 107 4.92 11.40 9.02
N LEU B 108 5.98 12.13 9.42
CA LEU B 108 5.84 13.37 10.18
C LEU B 108 6.54 14.51 9.42
N GLN B 109 7.85 14.38 9.17
CA GLN B 109 8.59 15.40 8.43
C GLN B 109 9.15 14.81 7.17
N LEU B 110 8.73 15.32 6.03
CA LEU B 110 9.15 14.85 4.72
C LEU B 110 10.14 15.85 4.14
N GLY B 111 11.38 15.42 3.97
CA GLY B 111 12.44 16.29 3.51
C GLY B 111 13.01 15.90 2.18
N PHE B 112 13.39 16.90 1.39
CA PHE B 112 13.91 16.72 0.03
C PHE B 112 15.24 17.46 -0.15
N SER B 113 16.07 17.03 -1.11
CA SER B 113 17.36 17.69 -1.32
C SER B 113 17.20 19.16 -1.83
N THR B 114 15.99 19.57 -2.21
CA THR B 114 15.68 20.97 -2.55
C THR B 114 15.67 21.87 -1.27
N GLY B 115 15.85 21.26 -0.09
CA GLY B 115 15.83 21.97 1.19
C GLY B 115 14.43 22.13 1.77
N VAL B 116 13.41 21.57 1.10
CA VAL B 116 12.04 21.67 1.55
C VAL B 116 11.74 20.59 2.60
N ASN B 117 11.05 20.97 3.69
CA ASN B 117 10.54 20.09 4.72
C ASN B 117 9.04 20.36 4.78
N LEU B 118 8.24 19.30 4.73
CA LEU B 118 6.79 19.38 4.81
C LEU B 118 6.37 18.57 6.02
N VAL B 119 5.50 19.15 6.87
CA VAL B 119 5.05 18.47 8.08
C VAL B 119 3.62 17.98 7.86
N ALA B 120 3.41 16.68 8.10
CA ALA B 120 2.09 16.09 7.90
C ALA B 120 1.45 15.77 9.23
N VAL B 121 0.12 15.81 9.25
CA VAL B 121 -0.65 15.36 10.40
C VAL B 121 -0.43 13.84 10.47
N PRO B 122 -0.16 13.27 11.67
CA PRO B 122 0.04 11.81 11.77
C PRO B 122 -1.22 11.08 11.29
N THR B 123 -1.08 10.36 10.18
CA THR B 123 -2.21 9.65 9.58
CA THR B 123 -2.20 9.72 9.49
C THR B 123 -1.85 8.25 9.20
N GLY B 124 -2.84 7.37 9.34
CA GLY B 124 -2.70 5.94 9.07
C GLY B 124 -3.89 5.33 8.37
N TYR B 125 -3.77 4.05 8.05
CA TYR B 125 -4.79 3.31 7.31
C TYR B 125 -5.49 2.44 8.34
N VAL B 126 -6.74 2.76 8.63
CA VAL B 126 -7.48 2.10 9.70
C VAL B 126 -8.56 1.22 9.13
N ASP B 127 -8.44 -0.09 9.31
CA ASP B 127 -9.47 -1.02 8.86
C ASP B 127 -10.70 -0.91 9.75
N THR B 128 -11.87 -0.95 9.11
CA THR B 128 -13.16 -0.90 9.79
C THR B 128 -14.07 -2.00 9.24
N PRO B 129 -15.26 -2.21 9.82
CA PRO B 129 -16.17 -3.24 9.29
C PRO B 129 -16.60 -3.03 7.84
N ASN B 130 -16.39 -1.83 7.28
CA ASN B 130 -16.87 -1.51 5.93
C ASN B 130 -15.80 -1.15 4.91
N ASN B 131 -14.61 -0.75 5.36
CA ASN B 131 -13.59 -0.25 4.43
C ASN B 131 -12.28 0.08 5.19
N THR B 132 -11.29 0.70 4.52
CA THR B 132 -10.11 1.21 5.20
C THR B 132 -10.30 2.73 5.24
N ASP B 133 -10.18 3.30 6.41
CA ASP B 133 -10.34 4.73 6.61
C ASP B 133 -8.97 5.38 6.72
N PHE B 134 -8.62 6.23 5.75
CA PHE B 134 -7.34 6.95 5.77
C PHE B 134 -7.59 8.14 6.65
N SER B 135 -7.08 8.13 7.88
CA SER B 135 -7.42 9.17 8.82
C SER B 135 -6.37 9.46 9.87
N ARG B 136 -6.51 10.61 10.56
CA ARG B 136 -5.60 11.00 11.63
C ARG B 136 -5.59 9.96 12.73
N VAL B 137 -4.41 9.64 13.26
CA VAL B 137 -4.28 8.65 14.34
C VAL B 137 -3.44 9.28 15.45
N SER B 138 -3.57 8.74 16.68
CA SER B 138 -2.80 9.22 17.84
C SER B 138 -1.35 8.85 17.64
N ALA B 139 -0.44 9.80 17.94
CA ALA B 139 0.98 9.53 17.72
C ALA B 139 1.87 10.28 18.69
N LYS B 140 3.07 9.76 18.91
CA LYS B 140 4.06 10.42 19.74
C LYS B 140 5.38 10.49 18.98
N PRO B 141 6.19 11.55 19.21
CA PRO B 141 7.51 11.61 18.56
C PRO B 141 8.46 10.54 19.13
N PRO B 142 9.54 10.12 18.40
CA PRO B 142 10.46 9.11 18.95
C PRO B 142 11.08 9.58 20.27
N PRO B 143 11.30 8.64 21.21
CA PRO B 143 11.75 9.04 22.56
C PRO B 143 13.10 9.71 22.72
N GLY B 144 13.97 9.63 21.72
CA GLY B 144 15.32 10.19 21.80
C GLY B 144 15.44 11.71 21.91
N ASP B 145 16.68 12.20 22.10
CA ASP B 145 16.96 13.63 22.19
C ASP B 145 17.54 14.21 20.89
N GLN B 146 18.00 13.36 19.96
CA GLN B 146 18.46 13.81 18.65
C GLN B 146 17.27 14.20 17.71
N PHE B 147 16.04 13.82 18.11
CA PHE B 147 14.80 14.14 17.41
C PHE B 147 13.92 15.06 18.28
N LYS B 148 14.52 15.91 19.14
CA LYS B 148 13.74 16.82 19.99
C LYS B 148 13.03 17.92 19.18
N HIS B 149 13.52 18.23 17.97
CA HIS B 149 12.88 19.18 17.08
C HIS B 149 11.52 18.68 16.56
N LEU B 150 11.25 17.37 16.64
CA LEU B 150 9.99 16.80 16.16
C LEU B 150 8.81 17.07 17.11
N ILE B 151 9.09 17.31 18.39
CA ILE B 151 8.05 17.57 19.39
C ILE B 151 7.07 18.67 18.99
N PRO B 152 7.48 19.92 18.62
CA PRO B 152 6.49 20.93 18.19
C PRO B 152 5.81 20.58 16.87
N LEU B 153 6.46 19.75 16.02
CA LEU B 153 5.90 19.37 14.72
C LEU B 153 4.62 18.55 14.84
N MET B 154 4.39 17.90 15.98
CA MET B 154 3.16 17.15 16.23
C MET B 154 1.91 18.05 16.18
N TYR B 155 2.07 19.38 16.31
CA TYR B 155 1.01 20.38 16.27
C TYR B 155 1.10 21.32 15.07
N LYS B 156 2.05 21.09 14.15
CA LYS B 156 2.20 21.95 12.97
C LYS B 156 2.03 21.21 11.64
N GLY B 157 1.32 20.09 11.65
CA GLY B 157 1.11 19.32 10.43
C GLY B 157 -0.02 19.80 9.57
N LEU B 158 0.07 19.50 8.28
CA LEU B 158 -0.94 19.77 7.28
C LEU B 158 -1.65 18.45 6.91
N PRO B 159 -2.94 18.49 6.54
CA PRO B 159 -3.61 17.25 6.12
C PRO B 159 -2.94 16.68 4.86
N TRP B 160 -2.93 15.35 4.71
CA TRP B 160 -2.26 14.70 3.60
C TRP B 160 -2.76 15.17 2.22
N ASN B 161 -4.05 15.55 2.08
CA ASN B 161 -4.53 16.04 0.78
C ASN B 161 -3.79 17.34 0.37
N VAL B 162 -3.34 18.14 1.36
CA VAL B 162 -2.57 19.36 1.08
C VAL B 162 -1.10 18.98 0.89
N VAL B 163 -0.55 18.13 1.79
CA VAL B 163 0.86 17.71 1.69
C VAL B 163 1.23 17.15 0.30
N ARG B 164 0.41 16.23 -0.25
CA ARG B 164 0.74 15.64 -1.54
C ARG B 164 0.63 16.65 -2.69
N ILE B 165 -0.28 17.66 -2.58
CA ILE B 165 -0.33 18.72 -3.60
C ILE B 165 0.99 19.50 -3.59
N LYS B 166 1.49 19.81 -2.39
CA LYS B 166 2.74 20.53 -2.22
C LYS B 166 3.94 19.76 -2.71
N ILE B 167 3.93 18.41 -2.55
CA ILE B 167 5.07 17.60 -3.02
C ILE B 167 5.10 17.66 -4.53
N VAL B 168 3.95 17.46 -5.17
CA VAL B 168 3.83 17.48 -6.62
C VAL B 168 4.23 18.85 -7.16
N GLN B 169 3.80 19.91 -6.49
CA GLN B 169 4.16 21.27 -6.92
C GLN B 169 5.68 21.50 -6.82
N MET B 170 6.28 21.11 -5.70
CA MET B 170 7.73 21.26 -5.50
C MET B 170 8.53 20.51 -6.55
N LEU B 171 8.18 19.23 -6.81
CA LEU B 171 8.91 18.42 -7.79
C LEU B 171 8.73 18.97 -9.19
N SER B 172 7.49 19.39 -9.54
CA SER B 172 7.23 19.95 -10.86
C SER B 172 8.07 21.21 -11.09
N ASP B 173 8.14 22.10 -10.11
CA ASP B 173 8.91 23.33 -10.24
C ASP B 173 10.40 23.04 -10.41
N THR B 174 10.93 22.07 -9.63
CA THR B 174 12.35 21.74 -9.66
C THR B 174 12.75 21.03 -10.93
N LEU B 175 11.94 20.09 -11.39
CA LEU B 175 12.31 19.21 -12.49
C LEU B 175 11.80 19.53 -13.89
N LYS B 176 10.83 20.44 -14.06
CA LYS B 176 10.24 20.68 -15.38
C LYS B 176 11.27 21.00 -16.48
N ASN B 177 12.34 21.71 -16.12
CA ASN B 177 13.40 22.03 -17.08
C ASN B 177 14.64 21.12 -16.98
N LEU B 178 14.60 20.10 -16.09
CA LEU B 178 15.75 19.21 -15.90
C LEU B 178 15.57 17.81 -16.44
N SER B 179 14.37 17.22 -16.28
CA SER B 179 14.17 15.82 -16.64
C SER B 179 12.72 15.49 -16.95
N ASP B 180 12.50 14.39 -17.64
CA ASP B 180 11.16 13.90 -17.91
C ASP B 180 10.66 13.00 -16.76
N ARG B 181 11.41 12.88 -15.62
CA ARG B 181 11.07 11.97 -14.53
C ARG B 181 11.65 12.45 -13.18
N VAL B 182 11.42 11.66 -12.10
CA VAL B 182 12.05 11.90 -10.81
C VAL B 182 12.73 10.60 -10.40
N VAL B 183 13.94 10.68 -9.84
CA VAL B 183 14.59 9.53 -9.23
C VAL B 183 14.77 9.94 -7.78
N PHE B 184 14.01 9.37 -6.83
CA PHE B 184 14.21 9.67 -5.42
C PHE B 184 15.46 8.93 -4.98
N VAL B 185 16.42 9.62 -4.38
CA VAL B 185 17.69 9.03 -3.92
C VAL B 185 17.50 8.82 -2.43
N LEU B 186 17.53 7.57 -1.99
CA LEU B 186 17.22 7.20 -0.59
C LEU B 186 18.41 6.57 0.15
N TRP B 187 18.29 6.45 1.48
CA TRP B 187 19.28 5.80 2.32
C TRP B 187 18.44 4.99 3.29
N ALA B 188 18.46 3.64 3.18
CA ALA B 188 17.63 2.71 4.00
C ALA B 188 16.18 3.03 3.65
N HIS B 189 15.75 2.58 2.48
CA HIS B 189 14.51 2.97 1.85
C HIS B 189 13.17 2.60 2.50
N GLY B 190 13.13 1.64 3.40
CA GLY B 190 11.87 1.17 3.98
C GLY B 190 10.83 2.21 4.35
N PHE B 191 11.18 3.15 5.22
CA PHE B 191 10.25 4.16 5.68
C PHE B 191 9.92 5.19 4.59
N GLU B 192 10.88 5.45 3.68
CA GLU B 192 10.59 6.39 2.57
C GLU B 192 9.59 5.74 1.63
N LEU B 193 9.73 4.43 1.36
CA LEU B 193 8.78 3.72 0.49
C LEU B 193 7.40 3.64 1.17
N THR B 194 7.36 3.43 2.50
CA THR B 194 6.09 3.48 3.27
C THR B 194 5.43 4.87 3.09
N SER B 195 6.24 5.95 3.18
CA SER B 195 5.77 7.31 3.02
C SER B 195 5.25 7.57 1.59
N MET B 196 5.85 6.93 0.57
CA MET B 196 5.41 7.08 -0.82
C MET B 196 4.02 6.55 -1.05
N LYS B 197 3.57 5.56 -0.27
CA LYS B 197 2.19 5.07 -0.35
C LYS B 197 1.17 6.24 -0.18
N TYR B 198 1.56 7.26 0.59
CA TYR B 198 0.76 8.44 0.86
C TYR B 198 0.70 9.45 -0.31
N PHE B 199 1.57 9.35 -1.33
CA PHE B 199 1.56 10.37 -2.41
C PHE B 199 1.99 9.89 -3.80
N VAL B 200 2.16 8.57 -3.99
CA VAL B 200 2.60 8.03 -5.26
C VAL B 200 1.56 7.01 -5.78
N LYS B 201 1.35 7.00 -7.08
CA LYS B 201 0.52 6.03 -7.77
C LYS B 201 1.37 5.48 -8.93
N ILE B 202 1.12 4.23 -9.30
CA ILE B 202 1.85 3.59 -10.39
C ILE B 202 0.89 2.95 -11.39
N GLY B 203 1.40 2.65 -12.57
CA GLY B 203 0.64 1.97 -13.61
C GLY B 203 1.46 1.93 -14.88
N PRO B 204 0.79 1.70 -16.02
CA PRO B 204 1.50 1.74 -17.31
C PRO B 204 2.00 3.17 -17.62
N GLU B 205 3.01 3.28 -18.48
CA GLU B 205 3.50 4.61 -18.91
C GLU B 205 2.39 5.34 -19.66
N ARG B 206 2.12 6.58 -19.26
CA ARG B 206 1.08 7.40 -19.89
C ARG B 206 1.70 8.70 -20.44
N THR B 207 0.95 9.41 -21.26
CA THR B 207 1.40 10.70 -21.78
C THR B 207 0.62 11.80 -21.07
N CYS B 208 1.16 13.02 -21.08
CA CYS B 208 0.49 14.17 -20.50
C CYS B 208 -0.81 14.44 -21.27
N CYS B 209 -1.83 14.97 -20.59
CA CYS B 209 -3.08 15.29 -21.26
C CYS B 209 -2.96 16.56 -22.15
N LEU B 210 -1.96 17.42 -21.90
CA LEU B 210 -1.80 18.65 -22.69
C LEU B 210 -0.62 18.65 -23.69
N CYS B 211 0.29 17.69 -23.58
CA CYS B 211 1.43 17.61 -24.49
C CYS B 211 1.87 16.14 -24.70
N ASP B 212 2.91 15.90 -25.52
CA ASP B 212 3.36 14.54 -25.78
C ASP B 212 4.44 14.03 -24.78
N ARG B 213 4.74 14.79 -23.72
CA ARG B 213 5.72 14.35 -22.74
C ARG B 213 5.17 13.20 -21.88
N ARG B 214 6.05 12.34 -21.31
CA ARG B 214 5.58 11.27 -20.43
C ARG B 214 4.95 11.89 -19.17
N ALA B 215 3.92 11.24 -18.65
CA ALA B 215 3.24 11.74 -17.46
C ALA B 215 4.06 11.44 -16.22
N THR B 216 4.20 12.42 -15.36
CA THR B 216 4.90 12.30 -14.10
C THR B 216 3.98 12.55 -12.89
N CYS B 217 2.71 12.95 -13.14
CA CYS B 217 1.75 13.34 -12.13
C CYS B 217 0.37 12.78 -12.47
N PHE B 218 -0.42 12.51 -11.44
CA PHE B 218 -1.77 11.97 -11.60
C PHE B 218 -2.72 12.81 -10.77
N SER B 219 -3.95 13.05 -11.27
CA SER B 219 -4.93 13.81 -10.51
C SER B 219 -6.10 12.89 -10.17
N THR B 220 -6.40 12.66 -8.88
CA THR B 220 -7.55 11.80 -8.53
C THR B 220 -8.88 12.48 -8.85
N ALA B 221 -8.93 13.80 -8.70
CA ALA B 221 -10.16 14.58 -8.92
C ALA B 221 -10.65 14.48 -10.33
N SER B 222 -9.73 14.48 -11.31
CA SER B 222 -10.12 14.42 -12.71
C SER B 222 -9.80 13.12 -13.42
N ASP B 223 -9.03 12.21 -12.79
CA ASP B 223 -8.58 10.96 -13.43
C ASP B 223 -7.77 11.28 -14.71
N THR B 224 -6.89 12.28 -14.61
CA THR B 224 -6.05 12.70 -15.71
C THR B 224 -4.57 12.65 -15.32
N TYR B 225 -3.68 12.74 -16.31
CA TYR B 225 -2.23 12.67 -16.16
C TYR B 225 -1.57 13.91 -16.71
N ALA B 226 -0.41 14.24 -16.16
CA ALA B 226 0.31 15.42 -16.61
C ALA B 226 1.79 15.24 -16.44
N CYS B 227 2.56 15.96 -17.26
CA CYS B 227 4.01 16.04 -17.15
C CYS B 227 4.31 17.09 -16.05
N TRP B 228 5.60 17.40 -15.79
CA TRP B 228 5.96 18.40 -14.78
C TRP B 228 5.53 19.83 -15.19
N HIS B 229 5.36 20.10 -16.50
CA HIS B 229 4.98 21.45 -16.94
C HIS B 229 3.51 21.76 -16.74
N HIS B 230 2.64 20.72 -16.79
CA HIS B 230 1.20 20.92 -16.77
C HIS B 230 0.49 20.32 -15.56
N SER B 231 1.18 20.20 -14.44
CA SER B 231 0.66 19.53 -13.23
C SER B 231 -0.03 20.40 -12.17
N ILE B 232 -0.35 21.67 -12.44
CA ILE B 232 -1.03 22.52 -11.44
C ILE B 232 -2.32 21.85 -10.90
N GLY B 233 -2.45 21.76 -9.58
CA GLY B 233 -3.59 21.11 -8.94
C GLY B 233 -3.52 19.60 -8.82
N PHE B 234 -2.47 18.96 -9.39
CA PHE B 234 -2.33 17.50 -9.36
C PHE B 234 -1.89 17.05 -7.98
N ASP B 235 -2.44 15.91 -7.51
CA ASP B 235 -2.16 15.47 -6.16
C ASP B 235 -1.23 14.27 -6.05
N TYR B 236 -1.02 13.50 -7.14
CA TYR B 236 -0.13 12.32 -7.02
C TYR B 236 1.07 12.33 -7.91
N VAL B 237 2.18 11.83 -7.39
CA VAL B 237 3.39 11.62 -8.17
C VAL B 237 3.14 10.28 -8.86
N TYR B 238 3.26 10.24 -10.17
CA TYR B 238 2.97 9.05 -10.96
C TYR B 238 4.23 8.44 -11.57
N ASN B 239 4.38 7.11 -11.41
CA ASN B 239 5.53 6.36 -11.90
C ASN B 239 6.88 7.02 -11.57
N PRO B 240 7.15 7.32 -10.30
CA PRO B 240 8.50 7.80 -9.96
C PRO B 240 9.51 6.67 -9.98
N PHE B 241 10.81 7.02 -9.96
CA PHE B 241 11.88 6.05 -9.89
C PHE B 241 12.66 6.29 -8.61
N MET B 242 13.50 5.33 -8.22
CA MET B 242 14.20 5.43 -6.94
C MET B 242 15.38 4.50 -6.83
N ILE B 243 16.28 4.82 -5.92
CA ILE B 243 17.46 3.99 -5.70
C ILE B 243 17.88 4.16 -4.25
N ASP B 244 18.35 3.08 -3.63
CA ASP B 244 18.74 3.10 -2.24
C ASP B 244 20.27 3.06 -2.14
N VAL B 245 20.86 4.21 -1.86
CA VAL B 245 22.31 4.39 -1.75
C VAL B 245 22.92 3.48 -0.70
N GLN B 246 22.19 3.19 0.38
CA GLN B 246 22.70 2.30 1.43
C GLN B 246 23.04 0.91 0.88
N GLN B 247 22.32 0.47 -0.15
CA GLN B 247 22.56 -0.85 -0.73
C GLN B 247 23.78 -0.95 -1.63
N TRP B 248 24.57 0.12 -1.76
CA TRP B 248 25.76 0.11 -2.60
C TRP B 248 27.04 -0.39 -1.89
N GLY B 249 26.89 -1.08 -0.77
CA GLY B 249 28.04 -1.67 -0.08
C GLY B 249 28.69 -0.85 1.01
N PHE B 250 28.06 0.24 1.44
CA PHE B 250 28.64 1.08 2.48
C PHE B 250 28.53 0.43 3.87
N THR B 251 29.53 0.65 4.72
CA THR B 251 29.48 0.23 6.10
C THR B 251 29.23 1.51 6.93
N GLY B 252 28.38 1.42 7.95
CA GLY B 252 28.09 2.57 8.81
C GLY B 252 26.92 3.42 8.33
N ASN B 253 26.60 4.45 9.11
CA ASN B 253 25.47 5.34 8.87
C ASN B 253 25.71 6.35 7.73
N LEU B 254 24.65 7.01 7.28
CA LEU B 254 24.70 7.99 6.21
C LEU B 254 25.76 9.08 6.44
N GLN B 255 25.70 9.76 7.60
CA GLN B 255 26.60 10.88 7.85
C GLN B 255 28.06 10.48 7.79
N SER B 256 28.45 9.35 8.41
CA SER B 256 29.86 8.92 8.35
C SER B 256 30.34 8.69 6.92
N ASN B 257 29.50 8.12 6.05
CA ASN B 257 29.90 7.90 4.66
C ASN B 257 29.87 9.18 3.86
N HIS B 258 28.85 10.03 4.09
CA HIS B 258 28.76 11.33 3.41
C HIS B 258 30.02 12.18 3.73
N ASP B 259 30.39 12.25 5.03
CA ASP B 259 31.51 13.05 5.50
C ASP B 259 32.86 12.64 4.99
N LEU B 260 32.99 11.45 4.38
CA LEU B 260 34.26 11.05 3.80
C LEU B 260 34.60 11.88 2.56
N TYR B 261 33.58 12.30 1.80
CA TYR B 261 33.81 13.07 0.59
C TYR B 261 33.42 14.54 0.71
N CYS B 262 32.58 14.88 1.67
CA CYS B 262 32.01 16.20 1.76
C CYS B 262 32.03 16.80 3.14
N GLN B 263 32.43 18.08 3.20
CA GLN B 263 32.49 18.78 4.47
C GLN B 263 31.63 20.03 4.54
N VAL B 264 30.67 20.20 3.61
CA VAL B 264 29.84 21.40 3.58
C VAL B 264 28.35 21.17 3.88
N HIS B 265 27.94 19.93 4.21
CA HIS B 265 26.54 19.64 4.56
C HIS B 265 26.52 19.04 5.98
N GLY B 266 25.98 19.79 6.94
CA GLY B 266 25.97 19.38 8.34
C GLY B 266 24.76 18.60 8.78
N VAL B 270 17.28 16.40 10.81
CA VAL B 270 16.30 17.14 10.02
C VAL B 270 16.16 16.45 8.65
N ALA B 271 14.92 16.09 8.27
CA ALA B 271 14.69 15.32 7.05
C ALA B 271 15.35 15.90 5.78
N SER B 272 15.24 17.22 5.54
CA SER B 272 15.85 17.81 4.34
C SER B 272 17.38 17.67 4.38
N CYS B 273 17.99 17.80 5.55
CA CYS B 273 19.43 17.69 5.69
C CYS B 273 19.90 16.27 5.35
N ASP B 274 19.16 15.25 5.79
CA ASP B 274 19.51 13.85 5.45
C ASP B 274 19.30 13.62 3.95
N ALA B 275 18.23 14.19 3.38
CA ALA B 275 17.95 14.08 1.96
C ALA B 275 19.06 14.74 1.14
N ILE B 276 19.58 15.89 1.60
CA ILE B 276 20.69 16.59 0.93
C ILE B 276 21.96 15.73 0.99
N MET B 277 22.25 15.16 2.16
CA MET B 277 23.43 14.32 2.33
C MET B 277 23.34 13.06 1.49
N THR B 278 22.14 12.49 1.32
CA THR B 278 21.94 11.28 0.51
C THR B 278 22.23 11.55 -0.96
N ARG B 279 21.64 12.61 -1.55
CA ARG B 279 21.93 12.95 -2.94
C ARG B 279 23.43 13.31 -3.10
N CYS B 280 24.00 13.98 -2.10
CA CYS B 280 25.42 14.38 -2.15
C CYS B 280 26.34 13.16 -2.19
N LEU B 281 26.11 12.19 -1.27
CA LEU B 281 26.90 10.97 -1.24
C LEU B 281 26.74 10.21 -2.55
N ALA B 282 25.50 10.17 -3.10
CA ALA B 282 25.27 9.49 -4.37
C ALA B 282 26.08 10.09 -5.51
N VAL B 283 26.12 11.42 -5.60
CA VAL B 283 26.86 12.09 -6.68
C VAL B 283 28.35 11.78 -6.54
N HIS B 284 28.91 11.94 -5.33
CA HIS B 284 30.33 11.65 -5.11
C HIS B 284 30.70 10.20 -5.39
N GLU B 285 29.82 9.25 -4.99
CA GLU B 285 30.12 7.84 -5.21
C GLU B 285 30.04 7.45 -6.69
N CYS B 286 29.04 7.99 -7.41
CA CYS B 286 28.85 7.63 -8.82
C CYS B 286 29.74 8.34 -9.81
N PHE B 287 30.12 9.59 -9.54
CA PHE B 287 30.85 10.36 -10.56
C PHE B 287 32.34 10.55 -10.28
N VAL B 288 32.84 10.06 -9.15
CA VAL B 288 34.27 10.12 -8.85
C VAL B 288 34.79 8.66 -8.84
N LYS B 289 35.87 8.38 -9.61
CA LYS B 289 36.59 7.11 -9.77
C LYS B 289 35.90 6.12 -10.71
ZN ZN C . -13.62 -5.21 0.31
ZN ZN D . -29.77 -15.62 -12.32
ZN ZN E . 2.49 18.26 -20.54
ZN ZN F . 27.61 16.90 1.02
MG MG G . 15.61 5.89 5.38
N1 A1IGN H . -5.11 -13.67 16.33
C4 A1IGN H . -3.53 -11.70 13.90
C5 A1IGN H . -3.74 -10.65 13.01
C6 A1IGN H . -4.66 -9.66 13.32
C7 A1IGN H . -5.33 -9.70 14.52
C8 A1IGN H . -5.09 -10.73 15.42
C1 A1IGN H . -5.51 -14.56 15.25
C2 A1IGN H . -3.93 -12.85 16.09
C3 A1IGN H . -4.18 -11.74 15.11
C9 A1IGN H . -5.80 -13.58 17.48
N2 A1IGN H . -6.84 -14.42 17.68
O1 A1IGN H . -5.49 -12.74 18.35
S DMS I . 25.42 17.37 -4.51
O DMS I . 24.96 17.65 -3.13
C1 DMS I . 27.20 16.95 -4.46
C2 DMS I . 25.71 18.95 -5.30
MG MG J . 16.44 11.23 8.42
#